data_3KE7
#
_entry.id   3KE7
#
_cell.length_a   74.660
_cell.length_b   60.897
_cell.length_c   52.280
_cell.angle_alpha   90.00
_cell.angle_beta   102.30
_cell.angle_gamma   90.00
#
_symmetry.space_group_name_H-M   'C 1 2 1'
#
loop_
_entity.id
_entity.type
_entity.pdbx_description
1 polymer 'Putative ketosteroid isomerase'
2 non-polymer BICINE
3 non-polymer GLYCEROL
4 non-polymer DI(HYDROXYETHYL)ETHER
5 non-polymer 'SULFATE ION'
6 water water
#
_entity_poly.entity_id   1
_entity_poly.type   'polypeptide(L)'
_entity_poly.pdbx_seq_one_letter_code
;GQQKN(MSE)ENKTLNENIPE(MSE)IISLEKEALASTDP(MSE)AFVELSDTDVIYFDPSLETKIEGLEQLRTYYKG
(MSE)QLPPADHFD(MSE)IRPVVQVAQNIAVLTFNLDSYLSDKVIKWNCTEVYRRNPDNQWKIIQTHWSYVKPLD
;
_entity_poly.pdbx_strand_id   A,B
#
loop_
_chem_comp.id
_chem_comp.type
_chem_comp.name
_chem_comp.formula
BCN non-polymer BICINE 'C6 H13 N O4'
GOL non-polymer GLYCEROL 'C3 H8 O3'
PEG non-polymer DI(HYDROXYETHYL)ETHER 'C4 H10 O3'
SO4 non-polymer 'SULFATE ION' 'O4 S -2'
#
# COMPACT_ATOMS: atom_id res chain seq x y z
N GLN A 3 13.77 -21.27 0.43
CA GLN A 3 13.82 -19.93 1.08
C GLN A 3 12.39 -19.40 1.29
N LYS A 4 12.14 -18.80 2.44
CA LYS A 4 10.83 -18.31 2.82
CA LYS A 4 10.81 -18.33 2.80
C LYS A 4 10.18 -17.38 1.76
N ASN A 5 11.01 -16.62 1.04
CA ASN A 5 10.49 -15.64 0.07
C ASN A 5 10.72 -16.03 -1.39
N MSE A 6 10.86 -17.33 -1.62
CA MSE A 6 11.01 -17.82 -2.98
C MSE A 6 10.05 -18.92 -3.22
O MSE A 6 9.86 -19.81 -2.38
CB MSE A 6 12.42 -18.36 -3.19
CG MSE A 6 13.51 -17.28 -3.02
SE MSE A 6 15.34 -17.86 -3.15
CE MSE A 6 15.25 -18.17 -5.04
N GLU A 7 9.47 -18.95 -4.41
CA GLU A 7 8.57 -20.00 -4.77
C GLU A 7 9.26 -21.37 -4.82
N ASN A 8 8.46 -22.39 -4.65
CA ASN A 8 8.93 -23.75 -4.73
C ASN A 8 7.74 -24.64 -5.07
N LYS A 9 7.95 -25.97 -5.10
CA LYS A 9 6.91 -26.91 -5.50
CA LYS A 9 6.90 -26.89 -5.50
C LYS A 9 6.03 -27.35 -4.34
N THR A 10 6.31 -26.84 -3.11
CA THR A 10 5.50 -27.23 -1.93
C THR A 10 4.76 -26.08 -1.25
N LEU A 11 5.22 -25.65 -0.08
CA LEU A 11 4.54 -24.58 0.66
C LEU A 11 4.48 -23.24 -0.05
N ASN A 12 5.48 -22.99 -0.91
CA ASN A 12 5.55 -21.74 -1.60
C ASN A 12 5.15 -21.83 -3.08
N GLU A 13 4.32 -22.81 -3.43
CA GLU A 13 3.83 -22.96 -4.79
C GLU A 13 2.85 -21.81 -5.11
N ASN A 14 1.89 -21.58 -4.23
CA ASN A 14 0.86 -20.55 -4.44
C ASN A 14 1.41 -19.24 -3.87
N ILE A 15 1.42 -18.21 -4.71
CA ILE A 15 2.02 -16.93 -4.35
C ILE A 15 1.25 -16.29 -3.18
N PRO A 16 -0.07 -16.23 -3.25
CA PRO A 16 -0.73 -15.63 -2.07
C PRO A 16 -0.40 -16.32 -0.75
N GLU A 17 -0.44 -17.64 -0.71
CA GLU A 17 -0.13 -18.34 0.55
CA GLU A 17 -0.12 -18.41 0.49
C GLU A 17 1.31 -18.08 0.97
N MSE A 18 2.25 -18.02 0.04
CA MSE A 18 3.66 -17.72 0.38
CA MSE A 18 3.64 -17.75 0.38
C MSE A 18 3.79 -16.33 0.98
O MSE A 18 4.47 -16.12 2.00
CB MSE A 18 4.57 -17.77 -0.87
CB MSE A 18 4.50 -17.97 -0.87
CG MSE A 18 5.94 -17.24 -0.59
CG MSE A 18 5.95 -17.71 -0.73
SE MSE A 18 7.00 -17.14 -2.21
SE MSE A 18 6.40 -15.89 -1.24
CE MSE A 18 5.92 -15.76 -3.08
CE MSE A 18 5.71 -15.92 -3.06
N ILE A 19 3.11 -15.36 0.35
CA ILE A 19 3.21 -13.95 0.76
C ILE A 19 2.61 -13.76 2.16
N ILE A 20 1.45 -14.39 2.38
CA ILE A 20 0.82 -14.33 3.70
C ILE A 20 1.72 -14.96 4.77
N SER A 21 2.28 -16.12 4.48
CA SER A 21 3.17 -16.79 5.44
CA SER A 21 3.18 -16.78 5.45
CA SER A 21 3.17 -16.79 5.45
C SER A 21 4.42 -15.96 5.73
N LEU A 22 4.98 -15.34 4.70
CA LEU A 22 6.13 -14.53 4.85
CA LEU A 22 6.17 -14.47 4.86
C LEU A 22 5.87 -13.35 5.80
N GLU A 23 4.74 -12.66 5.59
CA GLU A 23 4.38 -11.56 6.43
C GLU A 23 4.19 -11.99 7.88
N LYS A 24 3.49 -13.10 8.09
CA LYS A 24 3.28 -13.58 9.44
C LYS A 24 4.61 -13.93 10.12
N GLU A 25 5.52 -14.50 9.35
CA GLU A 25 6.84 -14.89 9.92
C GLU A 25 7.58 -13.65 10.33
N ALA A 26 7.54 -12.60 9.51
CA ALA A 26 8.24 -11.36 9.87
C ALA A 26 7.62 -10.72 11.10
N LEU A 27 6.30 -10.71 11.17
CA LEU A 27 5.58 -10.17 12.34
C LEU A 27 5.87 -10.93 13.64
N ALA A 28 6.16 -12.22 13.53
CA ALA A 28 6.39 -13.03 14.72
C ALA A 28 7.85 -13.05 15.10
N SER A 29 8.73 -12.54 14.23
CA SER A 29 10.17 -12.59 14.52
C SER A 29 10.56 -11.70 15.70
N THR A 30 11.48 -12.20 16.51
CA THR A 30 12.02 -11.38 17.58
C THR A 30 13.08 -10.42 17.06
N ASP A 31 13.53 -10.60 15.83
CA ASP A 31 14.54 -9.74 15.30
C ASP A 31 13.88 -8.51 14.69
N PRO A 32 14.20 -7.32 15.19
CA PRO A 32 13.55 -6.12 14.63
C PRO A 32 13.95 -5.81 13.23
N MSE A 33 14.98 -6.45 12.70
CA MSE A 33 15.50 -6.30 11.31
CA MSE A 33 15.38 -6.16 11.38
C MSE A 33 14.71 -7.16 10.32
O MSE A 33 15.01 -7.16 9.14
CB MSE A 33 16.97 -6.75 11.15
CB MSE A 33 16.87 -6.10 11.42
CG MSE A 33 18.11 -5.84 11.63
CG MSE A 33 17.34 -5.27 12.73
SE MSE A 33 18.15 -4.09 10.78
SE MSE A 33 16.66 -3.41 12.89
CE MSE A 33 17.08 -3.36 12.02
CE MSE A 33 17.38 -3.23 11.16
N ALA A 34 13.80 -8.00 10.81
CA ALA A 34 13.12 -8.96 9.93
C ALA A 34 12.55 -8.29 8.70
N PHE A 35 11.76 -7.26 8.90
CA PHE A 35 11.14 -6.61 7.73
C PHE A 35 12.16 -5.85 6.91
N VAL A 36 13.24 -5.35 7.53
CA VAL A 36 14.28 -4.72 6.76
C VAL A 36 14.96 -5.71 5.82
N GLU A 37 15.22 -6.94 6.34
CA GLU A 37 15.91 -7.94 5.54
C GLU A 37 15.03 -8.32 4.34
N LEU A 38 13.71 -8.23 4.51
CA LEU A 38 12.78 -8.54 3.43
C LEU A 38 12.56 -7.41 2.46
N SER A 39 13.00 -6.20 2.79
CA SER A 39 12.73 -5.05 1.97
C SER A 39 13.83 -4.79 0.96
N ASP A 40 13.47 -4.25 -0.18
CA ASP A 40 14.45 -3.95 -1.26
C ASP A 40 14.99 -2.52 -1.15
N THR A 41 16.02 -2.25 -1.95
CA THR A 41 16.73 -1.00 -1.86
CA THR A 41 16.73 -0.98 -1.97
C THR A 41 15.84 0.25 -2.08
N ASP A 42 14.80 0.13 -2.90
CA ASP A 42 13.91 1.23 -3.22
C ASP A 42 12.66 1.29 -2.35
N VAL A 43 12.69 0.63 -1.20
CA VAL A 43 11.49 0.57 -0.34
C VAL A 43 10.99 1.98 0.07
N ILE A 44 9.67 2.10 0.14
CA ILE A 44 8.94 3.28 0.61
C ILE A 44 8.12 2.80 1.81
N TYR A 45 8.13 3.55 2.90
CA TYR A 45 7.50 3.12 4.16
C TYR A 45 6.74 4.25 4.86
N PHE A 46 5.52 3.95 5.27
CA PHE A 46 4.72 4.82 6.11
C PHE A 46 4.30 4.15 7.41
N ASP A 47 4.29 4.93 8.52
CA ASP A 47 3.57 4.49 9.73
C ASP A 47 3.05 5.73 10.44
N PRO A 48 2.27 5.54 11.49
CA PRO A 48 1.62 6.71 12.14
C PRO A 48 2.53 7.67 12.83
N SER A 49 3.81 7.39 12.95
CA SER A 49 4.67 8.31 13.69
CA SER A 49 4.76 8.25 13.67
C SER A 49 5.51 9.23 12.80
N LEU A 50 5.48 9.00 11.47
CA LEU A 50 6.30 9.73 10.54
C LEU A 50 5.58 10.90 9.91
N GLU A 51 6.21 12.06 9.86
CA GLU A 51 5.56 13.17 9.18
C GLU A 51 5.38 12.90 7.68
N THR A 52 6.38 12.25 7.05
CA THR A 52 6.34 11.88 5.66
C THR A 52 6.96 10.50 5.54
N LYS A 53 6.76 9.87 4.40
CA LYS A 53 7.27 8.52 4.19
C LYS A 53 8.80 8.46 4.21
N ILE A 54 9.32 7.33 4.70
CA ILE A 54 10.72 6.98 4.61
C ILE A 54 10.98 6.42 3.22
N GLU A 55 12.12 6.77 2.66
CA GLU A 55 12.49 6.37 1.30
C GLU A 55 13.87 5.79 1.29
N GLY A 56 13.94 4.53 0.87
CA GLY A 56 15.20 3.81 0.67
C GLY A 56 15.53 2.88 1.83
N LEU A 57 16.19 1.78 1.51
CA LEU A 57 16.47 0.74 2.46
C LEU A 57 17.40 1.17 3.60
N GLU A 58 18.40 1.96 3.31
CA GLU A 58 19.30 2.38 4.36
CA GLU A 58 19.33 2.44 4.31
C GLU A 58 18.59 3.26 5.38
N GLN A 59 17.67 4.09 4.92
CA GLN A 59 16.91 4.92 5.81
C GLN A 59 15.94 4.09 6.61
N LEU A 60 15.35 3.09 5.98
CA LEU A 60 14.45 2.21 6.69
C LEU A 60 15.20 1.44 7.77
N ARG A 61 16.42 0.98 7.44
CA ARG A 61 17.23 0.22 8.38
CA ARG A 61 17.23 0.22 8.38
C ARG A 61 17.55 1.08 9.59
N THR A 62 17.95 2.32 9.35
CA THR A 62 18.28 3.23 10.46
C THR A 62 17.03 3.46 11.34
N TYR A 63 15.90 3.66 10.69
CA TYR A 63 14.64 3.86 11.40
C TYR A 63 14.31 2.64 12.29
N TYR A 64 14.39 1.44 11.72
CA TYR A 64 14.07 0.22 12.47
C TYR A 64 15.07 -0.01 13.62
N LYS A 65 16.33 0.30 13.38
CA LYS A 65 17.34 0.22 14.43
C LYS A 65 17.00 1.12 15.61
N GLY A 66 16.49 2.30 15.32
CA GLY A 66 16.19 3.28 16.33
C GLY A 66 15.00 2.95 17.20
N MSE A 67 14.05 2.19 16.69
CA MSE A 67 12.76 1.82 17.33
CA MSE A 67 12.89 1.95 17.51
C MSE A 67 12.91 0.70 18.34
O MSE A 67 12.32 0.70 19.41
CB MSE A 67 11.79 1.35 16.19
CB MSE A 67 11.61 2.08 16.74
CG MSE A 67 10.43 0.65 16.60
CG MSE A 67 11.42 1.14 15.67
SE MSE A 67 9.46 -0.25 15.05
SE MSE A 67 10.02 1.89 14.65
CE MSE A 67 9.01 1.40 14.13
CE MSE A 67 10.05 0.41 13.31
N GLN A 68 13.65 -0.32 17.93
CA GLN A 68 13.79 -1.50 18.75
C GLN A 68 12.45 -2.11 19.05
N LEU A 69 11.57 -2.18 18.06
CA LEU A 69 10.21 -2.63 18.33
C LEU A 69 10.16 -4.12 18.65
N PRO A 70 9.59 -4.48 19.81
CA PRO A 70 9.34 -5.91 20.05
C PRO A 70 8.23 -6.41 19.17
N PRO A 71 8.23 -7.71 18.84
CA PRO A 71 7.04 -8.18 18.15
C PRO A 71 5.87 -8.24 19.13
N ALA A 72 4.67 -8.32 18.60
CA ALA A 72 3.51 -8.50 19.46
C ALA A 72 3.63 -9.82 20.24
N ASP A 73 3.01 -9.88 21.42
CA ASP A 73 2.90 -11.12 22.15
C ASP A 73 2.13 -12.11 21.29
N HIS A 74 1.11 -11.63 20.56
CA HIS A 74 0.37 -12.46 19.61
C HIS A 74 -0.40 -11.53 18.71
N PHE A 75 -0.78 -12.00 17.54
CA PHE A 75 -1.58 -11.19 16.64
C PHE A 75 -2.53 -12.05 15.85
N ASP A 76 -3.55 -11.40 15.32
CA ASP A 76 -4.51 -12.03 14.42
C ASP A 76 -4.53 -11.25 13.13
N MSE A 77 -4.17 -11.91 12.03
CA MSE A 77 -4.22 -11.31 10.72
C MSE A 77 -5.63 -11.63 10.18
O MSE A 77 -6.01 -12.79 10.06
CB MSE A 77 -3.11 -11.86 9.85
CG MSE A 77 -3.12 -11.33 8.48
SE MSE A 77 -1.69 -11.89 7.35
CE MSE A 77 -0.24 -10.98 8.31
N ILE A 78 -6.39 -10.59 9.88
CA ILE A 78 -7.76 -10.72 9.48
C ILE A 78 -7.93 -10.44 7.98
N ARG A 79 -8.49 -11.43 7.34
CA ARG A 79 -8.86 -11.42 5.96
CA ARG A 79 -8.84 -11.41 5.89
C ARG A 79 -7.75 -10.89 5.00
N PRO A 80 -6.53 -11.46 5.08
CA PRO A 80 -5.50 -11.07 4.16
C PRO A 80 -5.91 -11.29 2.70
N VAL A 81 -5.65 -10.30 1.86
CA VAL A 81 -5.88 -10.39 0.42
C VAL A 81 -4.59 -10.20 -0.31
N VAL A 82 -4.30 -11.05 -1.28
CA VAL A 82 -3.14 -10.87 -2.13
C VAL A 82 -3.58 -10.80 -3.54
N GLN A 83 -3.28 -9.66 -4.15
CA GLN A 83 -3.56 -9.37 -5.54
C GLN A 83 -2.24 -9.58 -6.28
N VAL A 84 -2.20 -10.47 -7.26
CA VAL A 84 -0.98 -10.76 -7.99
C VAL A 84 -1.10 -10.24 -9.38
N ALA A 85 -0.05 -9.54 -9.84
CA ALA A 85 0.02 -8.95 -11.17
C ALA A 85 1.44 -9.07 -11.64
N GLN A 86 1.67 -10.04 -12.48
CA GLN A 86 3.00 -10.34 -13.04
CA GLN A 86 2.99 -10.37 -13.03
C GLN A 86 4.02 -10.45 -11.88
N ASN A 87 4.95 -9.49 -11.76
CA ASN A 87 5.98 -9.60 -10.76
C ASN A 87 5.69 -8.82 -9.50
N ILE A 88 4.42 -8.57 -9.21
CA ILE A 88 3.99 -7.81 -8.03
C ILE A 88 2.90 -8.58 -7.28
N ALA A 89 3.02 -8.59 -5.97
CA ALA A 89 1.97 -9.10 -5.10
C ALA A 89 1.63 -8.02 -4.09
N VAL A 90 0.39 -7.57 -4.10
CA VAL A 90 -0.13 -6.57 -3.13
C VAL A 90 -0.85 -7.29 -2.02
N LEU A 91 -0.29 -7.22 -0.83
CA LEU A 91 -0.91 -7.83 0.33
C LEU A 91 -1.56 -6.75 1.18
N THR A 92 -2.84 -6.94 1.47
CA THR A 92 -3.59 -6.07 2.35
C THR A 92 -4.25 -6.87 3.46
N PHE A 93 -4.25 -6.31 4.67
CA PHE A 93 -4.90 -6.99 5.79
C PHE A 93 -5.19 -6.04 6.90
N ASN A 94 -6.07 -6.47 7.79
CA ASN A 94 -6.18 -5.88 9.10
C ASN A 94 -5.44 -6.77 10.09
N LEU A 95 -4.99 -6.16 11.19
CA LEU A 95 -4.19 -6.85 12.19
C LEU A 95 -4.58 -6.46 13.58
N ASP A 96 -4.98 -7.43 14.39
CA ASP A 96 -5.17 -7.19 15.81
C ASP A 96 -3.85 -7.62 16.48
N SER A 97 -3.11 -6.65 17.00
CA SER A 97 -1.83 -6.90 17.62
C SER A 97 -1.91 -6.70 19.12
N TYR A 98 -1.45 -7.69 19.86
CA TYR A 98 -1.52 -7.64 21.30
C TYR A 98 -0.14 -7.48 21.92
N LEU A 99 0.03 -6.40 22.68
CA LEU A 99 1.25 -6.18 23.44
C LEU A 99 0.88 -5.71 24.85
N SER A 100 1.44 -6.43 25.84
CA SER A 100 1.20 -6.20 27.29
C SER A 100 -0.29 -6.07 27.67
N ASP A 101 -1.12 -6.97 27.16
CA ASP A 101 -2.55 -7.00 27.50
C ASP A 101 -3.40 -5.86 26.88
N LYS A 102 -2.94 -5.29 25.77
CA LYS A 102 -3.74 -4.28 25.06
C LYS A 102 -3.69 -4.59 23.59
N VAL A 103 -4.81 -4.35 22.90
CA VAL A 103 -4.86 -4.56 21.47
C VAL A 103 -4.67 -3.24 20.73
N ILE A 104 -3.89 -3.32 19.66
CA ILE A 104 -3.73 -2.24 18.72
CA ILE A 104 -3.75 -2.24 18.72
C ILE A 104 -4.19 -2.81 17.39
N LYS A 105 -5.18 -2.17 16.78
CA LYS A 105 -5.73 -2.63 15.52
CA LYS A 105 -5.78 -2.61 15.52
C LYS A 105 -5.17 -1.79 14.40
N TRP A 106 -4.61 -2.49 13.42
CA TRP A 106 -3.92 -1.94 12.28
C TRP A 106 -4.54 -2.26 10.94
N ASN A 107 -4.27 -1.36 10.02
CA ASN A 107 -4.42 -1.52 8.56
C ASN A 107 -3.05 -1.67 7.98
N CYS A 108 -2.88 -2.55 7.00
CA CYS A 108 -1.60 -2.70 6.36
C CYS A 108 -1.70 -2.97 4.88
N THR A 109 -0.87 -2.27 4.12
CA THR A 109 -0.62 -2.58 2.70
C THR A 109 0.87 -2.84 2.53
N GLU A 110 1.20 -4.04 2.04
CA GLU A 110 2.54 -4.34 1.60
C GLU A 110 2.52 -4.56 0.10
N VAL A 111 3.53 -4.11 -0.58
CA VAL A 111 3.73 -4.45 -2.00
C VAL A 111 5.05 -5.18 -2.11
N TYR A 112 4.97 -6.45 -2.52
CA TYR A 112 6.12 -7.28 -2.79
C TYR A 112 6.36 -7.38 -4.29
N ARG A 113 7.64 -7.38 -4.63
CA ARG A 113 8.09 -7.52 -6.02
C ARG A 113 8.95 -8.72 -6.18
N ARG A 114 8.71 -9.48 -7.25
CA ARG A 114 9.55 -10.63 -7.58
CA ARG A 114 9.54 -10.63 -7.60
C ARG A 114 10.67 -10.09 -8.45
N ASN A 115 11.87 -10.11 -7.90
CA ASN A 115 13.05 -9.65 -8.59
C ASN A 115 13.55 -10.72 -9.53
N PRO A 116 14.57 -10.37 -10.35
CA PRO A 116 15.03 -11.33 -11.35
C PRO A 116 15.66 -12.60 -10.75
N ASP A 117 16.15 -12.53 -9.50
CA ASP A 117 16.66 -13.73 -8.81
C ASP A 117 15.57 -14.57 -8.13
N ASN A 118 14.32 -14.22 -8.40
CA ASN A 118 13.17 -14.97 -7.92
C ASN A 118 12.86 -14.82 -6.43
N GLN A 119 13.50 -13.86 -5.77
CA GLN A 119 13.10 -13.51 -4.44
C GLN A 119 12.00 -12.49 -4.54
N TRP A 120 11.04 -12.61 -3.63
CA TRP A 120 10.00 -11.59 -3.42
C TRP A 120 10.46 -10.69 -2.28
N LYS A 121 10.52 -9.39 -2.56
CA LYS A 121 11.01 -8.41 -1.61
C LYS A 121 9.99 -7.28 -1.49
N ILE A 122 9.91 -6.70 -0.29
CA ILE A 122 8.99 -5.59 -0.05
C ILE A 122 9.52 -4.26 -0.65
N ILE A 123 8.70 -3.62 -1.47
CA ILE A 123 9.06 -2.34 -2.06
C ILE A 123 8.23 -1.20 -1.47
N GLN A 124 7.14 -1.53 -0.77
CA GLN A 124 6.28 -0.53 -0.16
C GLN A 124 5.56 -1.10 1.01
N THR A 125 5.54 -0.32 2.07
CA THR A 125 4.84 -0.69 3.30
C THR A 125 4.03 0.51 3.79
N HIS A 126 2.77 0.30 4.18
CA HIS A 126 1.95 1.36 4.73
C HIS A 126 1.18 0.78 5.89
N TRP A 127 1.58 1.16 7.10
CA TRP A 127 0.89 0.83 8.32
C TRP A 127 0.07 2.02 8.81
N SER A 128 -1.18 1.77 9.18
CA SER A 128 -2.00 2.81 9.84
C SER A 128 -2.88 2.21 10.90
N TYR A 129 -3.29 3.02 11.86
CA TYR A 129 -4.22 2.53 12.86
C TYR A 129 -5.61 2.45 12.30
N VAL A 130 -6.39 1.50 12.81
CA VAL A 130 -7.83 1.46 12.54
C VAL A 130 -8.48 2.53 13.37
N LYS A 131 -9.19 3.43 12.70
CA LYS A 131 -9.99 4.48 13.37
C LYS A 131 -9.29 5.13 14.56
N PRO A 132 -8.16 5.76 14.31
CA PRO A 132 -7.38 6.33 15.42
C PRO A 132 -8.07 7.49 16.14
N LEU A 133 -8.91 8.23 15.42
CA LEU A 133 -9.64 9.38 15.99
C LEU A 133 -11.15 9.11 16.05
N ASP A 134 -11.56 8.00 15.41
CA ASP A 134 -12.94 7.44 15.42
C ASP A 134 -13.84 8.12 14.38
N GLN B 2 9.39 3.95 -29.57
CA GLN B 2 10.00 2.94 -28.66
C GLN B 2 9.48 1.55 -29.09
N GLN B 3 10.41 0.70 -29.52
CA GLN B 3 10.09 -0.61 -30.11
C GLN B 3 9.53 -1.66 -29.11
N LYS B 4 9.93 -1.59 -27.83
CA LYS B 4 9.37 -2.50 -26.81
C LYS B 4 7.90 -2.20 -26.60
N ASN B 5 7.58 -0.90 -26.43
CA ASN B 5 6.21 -0.45 -26.28
C ASN B 5 5.36 -0.82 -27.50
N MSE B 6 5.99 -0.85 -28.66
CA MSE B 6 5.27 -1.20 -29.87
C MSE B 6 4.90 -2.69 -29.91
O MSE B 6 3.78 -3.03 -30.22
CB MSE B 6 6.07 -0.81 -31.10
CG MSE B 6 5.45 -1.27 -32.45
SE MSE B 6 6.25 -2.93 -33.07
CE MSE B 6 8.09 -2.37 -33.21
N GLU B 7 5.85 -3.56 -29.58
CA GLU B 7 5.57 -4.98 -29.55
C GLU B 7 4.47 -5.25 -28.52
N ASN B 8 4.52 -4.53 -27.39
CA ASN B 8 3.52 -4.67 -26.29
C ASN B 8 2.22 -3.83 -26.43
N LYS B 9 2.12 -3.05 -27.51
CA LYS B 9 0.98 -2.13 -27.71
C LYS B 9 0.73 -1.32 -26.44
N THR B 10 1.79 -0.74 -25.88
CA THR B 10 1.66 0.16 -24.74
C THR B 10 2.07 1.55 -25.22
N LEU B 11 1.64 2.59 -24.50
CA LEU B 11 1.92 3.99 -24.89
C LEU B 11 3.35 4.39 -24.54
N ASN B 12 3.94 5.28 -25.35
CA ASN B 12 5.30 5.78 -25.12
C ASN B 12 5.30 6.96 -24.11
N GLU B 13 4.58 6.76 -23.01
CA GLU B 13 4.36 7.79 -22.00
C GLU B 13 5.33 7.70 -20.83
N ASN B 14 5.50 8.84 -20.15
CA ASN B 14 6.26 8.86 -18.91
C ASN B 14 5.28 8.34 -17.87
N ILE B 15 5.45 7.09 -17.43
CA ILE B 15 4.46 6.48 -16.54
C ILE B 15 4.34 7.22 -15.21
N PRO B 16 5.47 7.56 -14.56
CA PRO B 16 5.30 8.27 -13.29
C PRO B 16 4.51 9.58 -13.42
N GLU B 17 4.85 10.39 -14.42
CA GLU B 17 4.15 11.65 -14.64
C GLU B 17 2.65 11.41 -14.93
N MSE B 18 2.36 10.40 -15.73
CA MSE B 18 1.00 10.11 -16.07
CA MSE B 18 0.99 10.06 -16.08
CA MSE B 18 0.99 10.10 -16.06
C MSE B 18 0.19 9.68 -14.82
O MSE B 18 -0.90 10.13 -14.61
CB MSE B 18 0.97 9.06 -17.17
CB MSE B 18 0.96 8.88 -17.06
CB MSE B 18 0.90 9.01 -17.10
CG MSE B 18 -0.39 8.66 -17.60
CG MSE B 18 -0.41 8.56 -17.66
CG MSE B 18 -0.50 8.49 -17.28
SE MSE B 18 -1.10 7.22 -16.52
SE MSE B 18 -0.59 6.68 -18.24
SE MSE B 18 -1.81 9.76 -18.03
CE MSE B 18 0.29 5.94 -16.89
CE MSE B 18 -0.01 5.89 -16.54
CE MSE B 18 -2.01 11.16 -16.70
N ILE B 19 0.77 8.81 -13.99
CA ILE B 19 0.12 8.33 -12.81
C ILE B 19 -0.13 9.48 -11.82
N ILE B 20 0.87 10.34 -11.64
CA ILE B 20 0.70 11.50 -10.78
C ILE B 20 -0.45 12.38 -11.30
N SER B 21 -0.49 12.58 -12.62
CA SER B 21 -1.52 13.42 -13.20
CA SER B 21 -1.52 13.40 -13.21
CA SER B 21 -1.53 13.38 -13.26
C SER B 21 -2.92 12.81 -12.99
N LEU B 22 -3.05 11.49 -13.14
CA LEU B 22 -4.34 10.82 -12.89
C LEU B 22 -4.82 11.03 -11.47
N GLU B 23 -3.89 10.89 -10.51
CA GLU B 23 -4.23 11.02 -9.10
C GLU B 23 -4.65 12.46 -8.81
N LYS B 24 -3.84 13.42 -9.25
CA LYS B 24 -4.19 14.84 -9.03
C LYS B 24 -5.54 15.22 -9.64
N GLU B 25 -5.81 14.69 -10.83
CA GLU B 25 -7.11 14.92 -11.52
C GLU B 25 -8.26 14.37 -10.68
N ALA B 26 -8.12 13.16 -10.15
CA ALA B 26 -9.18 12.56 -9.37
C ALA B 26 -9.38 13.34 -8.06
N LEU B 27 -8.29 13.74 -7.44
CA LEU B 27 -8.38 14.50 -6.20
C LEU B 27 -9.14 15.79 -6.33
N ALA B 28 -8.87 16.50 -7.43
CA ALA B 28 -9.46 17.81 -7.69
C ALA B 28 -10.73 17.73 -8.53
N SER B 29 -11.20 16.53 -8.89
CA SER B 29 -12.36 16.38 -9.78
C SER B 29 -13.62 16.92 -9.15
N THR B 30 -14.47 17.48 -9.99
CA THR B 30 -15.79 17.91 -9.60
C THR B 30 -16.72 16.69 -9.45
N ASP B 31 -16.33 15.54 -10.02
CA ASP B 31 -17.15 14.33 -9.90
C ASP B 31 -16.78 13.63 -8.63
N PRO B 32 -17.73 13.53 -7.67
CA PRO B 32 -17.37 12.88 -6.42
C PRO B 32 -17.08 11.39 -6.57
N MSE B 33 -17.52 10.78 -7.67
CA MSE B 33 -17.26 9.38 -7.93
C MSE B 33 -16.01 9.17 -8.77
O MSE B 33 -15.77 8.03 -9.19
CB MSE B 33 -18.43 8.71 -8.66
CG MSE B 33 -19.77 8.87 -7.97
SE MSE B 33 -19.82 8.35 -6.09
CE MSE B 33 -19.98 6.42 -6.42
N ALA B 34 -15.20 10.20 -8.98
CA ALA B 34 -13.95 10.09 -9.79
C ALA B 34 -13.09 8.90 -9.42
N PHE B 35 -12.80 8.72 -8.13
CA PHE B 35 -11.98 7.60 -7.72
C PHE B 35 -12.64 6.25 -7.93
N VAL B 36 -13.96 6.17 -7.90
CA VAL B 36 -14.64 4.92 -8.17
C VAL B 36 -14.50 4.57 -9.65
N GLU B 37 -14.65 5.59 -10.50
CA GLU B 37 -14.46 5.40 -11.93
C GLU B 37 -13.03 4.98 -12.30
N LEU B 38 -12.05 5.44 -11.53
CA LEU B 38 -10.67 5.16 -11.77
C LEU B 38 -10.24 3.81 -11.18
N SER B 39 -11.10 3.19 -10.36
CA SER B 39 -10.75 1.93 -9.69
C SER B 39 -11.28 0.70 -10.43
N ASP B 40 -10.58 -0.43 -10.24
CA ASP B 40 -10.96 -1.69 -10.83
C ASP B 40 -11.84 -2.53 -9.92
N THR B 41 -12.40 -3.58 -10.52
CA THR B 41 -13.37 -4.41 -9.83
CA THR B 41 -13.34 -4.47 -9.86
C THR B 41 -12.86 -5.05 -8.52
N ASP B 42 -11.56 -5.31 -8.46
CA ASP B 42 -10.91 -5.99 -7.34
C ASP B 42 -10.25 -5.03 -6.37
N VAL B 43 -10.67 -3.78 -6.38
CA VAL B 43 -10.01 -2.77 -5.55
C VAL B 43 -10.18 -3.08 -4.05
N ILE B 44 -9.12 -2.80 -3.31
CA ILE B 44 -9.09 -2.86 -1.88
C ILE B 44 -8.82 -1.42 -1.41
N TYR B 45 -9.52 -0.99 -0.38
CA TYR B 45 -9.43 0.40 0.09
C TYR B 45 -9.44 0.50 1.62
N PHE B 46 -8.54 1.34 2.14
CA PHE B 46 -8.49 1.72 3.54
C PHE B 46 -8.55 3.23 3.68
N ASP B 47 -9.19 3.69 4.75
CA ASP B 47 -9.07 5.07 5.19
C ASP B 47 -9.32 5.09 6.70
N PRO B 48 -9.08 6.21 7.35
CA PRO B 48 -9.15 6.23 8.81
C PRO B 48 -10.50 6.08 9.42
N SER B 49 -11.56 6.01 8.62
CA SER B 49 -12.88 5.88 9.20
CA SER B 49 -12.92 5.88 9.14
C SER B 49 -13.41 4.44 9.19
N LEU B 50 -12.67 3.54 8.59
CA LEU B 50 -13.17 2.19 8.44
C LEU B 50 -12.66 1.22 9.50
N GLU B 51 -13.56 0.39 10.00
CA GLU B 51 -13.20 -0.60 10.95
C GLU B 51 -12.47 -1.79 10.31
N THR B 52 -12.78 -2.05 9.05
CA THR B 52 -12.11 -3.11 8.28
C THR B 52 -12.03 -2.65 6.82
N LYS B 53 -11.08 -3.17 6.08
CA LYS B 53 -10.89 -2.69 4.72
C LYS B 53 -12.10 -2.99 3.81
N ILE B 54 -12.32 -2.09 2.85
CA ILE B 54 -13.25 -2.25 1.77
C ILE B 54 -12.67 -3.16 0.73
N GLU B 55 -13.51 -4.07 0.25
CA GLU B 55 -13.11 -5.04 -0.79
CA GLU B 55 -13.12 -5.09 -0.75
C GLU B 55 -14.11 -5.07 -1.91
N GLY B 56 -13.63 -4.76 -3.08
CA GLY B 56 -14.42 -4.78 -4.27
C GLY B 56 -15.01 -3.44 -4.65
N LEU B 57 -15.16 -3.24 -5.95
CA LEU B 57 -15.66 -2.02 -6.44
C LEU B 57 -17.06 -1.73 -6.01
N GLU B 58 -17.92 -2.73 -5.84
CA GLU B 58 -19.27 -2.43 -5.43
CA GLU B 58 -19.28 -2.40 -5.43
C GLU B 58 -19.33 -1.85 -4.00
N GLN B 59 -18.50 -2.38 -3.12
CA GLN B 59 -18.38 -1.83 -1.75
CA GLN B 59 -18.44 -1.85 -1.77
C GLN B 59 -17.81 -0.44 -1.78
N LEU B 60 -16.79 -0.23 -2.60
CA LEU B 60 -16.18 1.08 -2.75
C LEU B 60 -17.23 2.10 -3.22
N ARG B 61 -17.99 1.73 -4.25
CA ARG B 61 -19.04 2.57 -4.81
C ARG B 61 -20.06 2.95 -3.75
N THR B 62 -20.55 1.99 -3.00
CA THR B 62 -21.49 2.25 -1.92
C THR B 62 -20.95 3.23 -0.90
N TYR B 63 -19.68 3.08 -0.52
CA TYR B 63 -19.04 3.99 0.42
C TYR B 63 -18.95 5.43 -0.16
N TYR B 64 -18.49 5.52 -1.39
CA TYR B 64 -18.32 6.82 -2.04
C TYR B 64 -19.64 7.53 -2.31
N LYS B 65 -20.71 6.77 -2.47
CA LYS B 65 -22.03 7.38 -2.66
C LYS B 65 -22.44 8.22 -1.46
N GLY B 66 -21.87 7.95 -0.30
CA GLY B 66 -22.22 8.68 0.92
C GLY B 66 -21.28 9.82 1.23
N MSE B 67 -20.21 9.99 0.45
CA MSE B 67 -19.24 11.02 0.73
C MSE B 67 -19.42 12.25 -0.11
O MSE B 67 -19.78 12.19 -1.27
CB MSE B 67 -17.82 10.49 0.52
CG MSE B 67 -17.35 9.58 1.65
SE MSE B 67 -15.46 9.29 1.72
CE MSE B 67 -15.37 8.33 0.12
N GLN B 68 -19.15 13.39 0.47
CA GLN B 68 -19.20 14.62 -0.26
C GLN B 68 -17.80 14.96 -0.67
N LEU B 69 -17.57 15.00 -1.96
CA LEU B 69 -16.21 15.15 -2.47
C LEU B 69 -16.26 16.09 -3.66
N PRO B 70 -15.15 16.78 -3.94
CA PRO B 70 -13.89 16.73 -3.25
C PRO B 70 -14.05 17.45 -1.92
N PRO B 71 -13.18 17.13 -0.95
CA PRO B 71 -13.23 17.77 0.36
C PRO B 71 -12.52 19.11 0.38
N ALA B 72 -11.62 19.35 -0.60
CA ALA B 72 -10.82 20.57 -0.62
C ALA B 72 -10.54 21.10 -2.04
N ASP B 73 -10.70 22.40 -2.19
CA ASP B 73 -10.28 23.07 -3.40
C ASP B 73 -8.81 23.07 -3.50
N HIS B 74 -8.10 23.27 -2.37
N HIS B 74 -8.12 23.17 -2.35
CA HIS B 74 -6.65 23.28 -2.45
CA HIS B 74 -6.67 23.26 -2.38
C HIS B 74 -5.96 22.20 -1.62
C HIS B 74 -5.94 22.19 -1.58
N PHE B 75 -4.86 21.70 -2.18
CA PHE B 75 -4.06 20.65 -1.60
C PHE B 75 -2.69 20.67 -2.22
N ASP B 76 -1.68 20.19 -1.47
CA ASP B 76 -0.30 20.10 -1.93
C ASP B 76 0.13 18.62 -1.87
N MSE B 77 0.60 18.07 -3.00
CA MSE B 77 1.10 16.70 -3.07
C MSE B 77 2.61 16.70 -2.84
O MSE B 77 3.39 17.22 -3.66
CB MSE B 77 0.72 16.02 -4.39
CG MSE B 77 1.30 14.60 -4.55
SE MSE B 77 0.65 13.71 -6.17
CE MSE B 77 -1.26 13.48 -5.73
N ILE B 78 3.04 16.03 -1.77
CA ILE B 78 4.39 16.10 -1.29
C ILE B 78 5.23 14.89 -1.64
N ARG B 79 6.31 15.12 -2.40
CA ARG B 79 7.28 14.09 -2.84
C ARG B 79 6.64 12.82 -3.43
N PRO B 80 5.77 13.00 -4.42
CA PRO B 80 5.22 11.79 -4.99
C PRO B 80 6.29 10.92 -5.64
N VAL B 81 6.21 9.61 -5.39
CA VAL B 81 7.09 8.64 -5.94
C VAL B 81 6.25 7.58 -6.65
N VAL B 82 6.69 7.19 -7.83
CA VAL B 82 6.04 6.12 -8.54
C VAL B 82 7.07 5.03 -8.83
N GLN B 83 6.81 3.85 -8.30
CA GLN B 83 7.59 2.66 -8.55
C GLN B 83 6.87 1.84 -9.64
N VAL B 84 7.57 1.57 -10.74
CA VAL B 84 6.97 0.91 -11.86
C VAL B 84 7.52 -0.51 -12.00
N ALA B 85 6.62 -1.46 -12.12
CA ALA B 85 6.96 -2.89 -12.25
C ALA B 85 6.03 -3.50 -13.24
N GLN B 86 6.45 -3.53 -14.45
CA GLN B 86 5.73 -4.15 -15.53
C GLN B 86 4.35 -3.47 -15.64
N ASN B 87 3.27 -4.20 -15.32
CA ASN B 87 1.93 -3.66 -15.43
C ASN B 87 1.39 -3.01 -14.13
N ILE B 88 2.28 -2.70 -13.19
CA ILE B 88 1.91 -2.09 -11.92
C ILE B 88 2.70 -0.79 -11.72
N ALA B 89 2.00 0.23 -11.19
CA ALA B 89 2.65 1.45 -10.74
C ALA B 89 2.21 1.68 -9.32
N VAL B 90 3.17 1.79 -8.41
CA VAL B 90 2.88 2.10 -6.99
C VAL B 90 3.16 3.57 -6.78
N LEU B 91 2.12 4.35 -6.50
CA LEU B 91 2.22 5.79 -6.22
C LEU B 91 2.14 6.03 -4.73
N THR B 92 3.15 6.65 -4.19
CA THR B 92 3.15 7.01 -2.76
C THR B 92 3.38 8.51 -2.64
N PHE B 93 2.69 9.14 -1.69
CA PHE B 93 2.84 10.56 -1.48
C PHE B 93 2.27 10.94 -0.11
N ASN B 94 2.58 12.18 0.27
CA ASN B 94 1.91 12.84 1.34
C ASN B 94 1.04 13.93 0.73
N LEU B 95 -0.01 14.31 1.40
CA LEU B 95 -0.92 15.30 0.87
C LEU B 95 -1.38 16.23 1.95
N ASP B 96 -1.14 17.53 1.78
CA ASP B 96 -1.75 18.54 2.68
C ASP B 96 -3.09 19.05 2.01
N SER B 97 -4.23 18.73 2.62
CA SER B 97 -5.58 19.07 2.13
C SER B 97 -6.11 20.22 2.95
N TYR B 98 -6.34 21.34 2.29
CA TYR B 98 -6.84 22.56 2.95
C TYR B 98 -8.37 22.66 2.91
N LEU B 99 -9.01 22.29 4.04
CA LEU B 99 -10.46 22.40 4.18
C LEU B 99 -10.76 23.82 4.70
N SER B 100 -11.24 24.69 3.79
CA SER B 100 -11.54 26.12 4.10
C SER B 100 -10.43 26.75 4.98
N ASP B 101 -10.63 26.71 6.30
CA ASP B 101 -9.64 27.25 7.27
C ASP B 101 -8.77 26.15 7.95
N LYS B 102 -9.03 24.87 7.67
CA LYS B 102 -8.29 23.76 8.30
C LYS B 102 -7.51 22.92 7.30
N VAL B 103 -6.49 22.23 7.78
CA VAL B 103 -5.64 21.41 6.92
C VAL B 103 -5.56 20.00 7.44
N ILE B 104 -5.79 19.03 6.55
CA ILE B 104 -5.61 17.65 6.92
C ILE B 104 -4.36 17.15 6.20
N LYS B 105 -3.44 16.58 6.98
CA LYS B 105 -2.21 15.99 6.43
C LYS B 105 -2.40 14.47 6.29
N TRP B 106 -2.16 13.98 5.07
CA TRP B 106 -2.37 12.59 4.72
C TRP B 106 -1.11 11.90 4.21
N ASN B 107 -1.10 10.59 4.46
CA ASN B 107 -0.24 9.59 3.82
C ASN B 107 -1.14 8.86 2.79
N CYS B 108 -0.57 8.51 1.64
CA CYS B 108 -1.30 7.76 0.65
C CYS B 108 -0.44 6.78 -0.14
N THR B 109 -0.94 5.56 -0.26
CA THR B 109 -0.43 4.59 -1.21
C THR B 109 -1.55 4.22 -2.18
N GLU B 110 -1.31 4.38 -3.46
CA GLU B 110 -2.19 3.92 -4.51
C GLU B 110 -1.43 2.88 -5.32
N VAL B 111 -2.07 1.76 -5.65
CA VAL B 111 -1.49 0.82 -6.60
C VAL B 111 -2.39 0.84 -7.85
N TYR B 112 -1.80 1.18 -9.00
CA TYR B 112 -2.45 1.19 -10.29
C TYR B 112 -1.96 0.01 -11.12
N ARG B 113 -2.86 -0.59 -11.88
CA ARG B 113 -2.59 -1.70 -12.73
C ARG B 113 -3.02 -1.36 -14.13
N ARG B 114 -2.14 -1.62 -15.10
CA ARG B 114 -2.45 -1.35 -16.48
C ARG B 114 -3.24 -2.53 -17.01
N ASN B 115 -4.45 -2.27 -17.48
CA ASN B 115 -5.30 -3.29 -18.06
C ASN B 115 -4.91 -3.51 -19.53
N PRO B 116 -5.39 -4.60 -20.14
CA PRO B 116 -5.06 -4.88 -21.56
C PRO B 116 -5.40 -3.76 -22.52
N ASP B 117 -6.42 -2.95 -22.18
CA ASP B 117 -6.80 -1.81 -23.00
C ASP B 117 -5.92 -0.58 -22.74
N ASN B 118 -4.80 -0.77 -22.02
CA ASN B 118 -3.87 0.33 -21.72
C ASN B 118 -4.45 1.39 -20.79
N GLN B 119 -5.46 1.03 -20.03
CA GLN B 119 -5.99 1.95 -19.05
C GLN B 119 -5.37 1.55 -17.72
N TRP B 120 -4.92 2.54 -17.00
CA TRP B 120 -4.38 2.33 -15.64
C TRP B 120 -5.51 2.51 -14.63
N LYS B 121 -5.78 1.47 -13.85
CA LYS B 121 -6.85 1.49 -12.88
C LYS B 121 -6.30 1.21 -11.49
N ILE B 122 -6.93 1.85 -10.49
CA ILE B 122 -6.54 1.65 -9.11
C ILE B 122 -7.08 0.28 -8.61
N ILE B 123 -6.15 -0.52 -8.07
CA ILE B 123 -6.46 -1.78 -7.47
C ILE B 123 -6.28 -1.76 -5.94
N GLN B 124 -5.64 -0.74 -5.41
CA GLN B 124 -5.49 -0.61 -3.97
C GLN B 124 -5.30 0.83 -3.58
N THR B 125 -5.97 1.25 -2.52
CA THR B 125 -5.86 2.61 -1.99
C THR B 125 -5.73 2.51 -0.49
N HIS B 126 -4.75 3.21 0.07
CA HIS B 126 -4.57 3.31 1.51
C HIS B 126 -4.31 4.77 1.86
N TRP B 127 -5.33 5.40 2.50
CA TRP B 127 -5.23 6.74 3.01
C TRP B 127 -5.07 6.67 4.52
N SER B 128 -4.12 7.40 5.08
CA SER B 128 -4.03 7.50 6.54
C SER B 128 -3.69 8.93 6.93
N TYR B 129 -3.98 9.30 8.19
CA TYR B 129 -3.57 10.60 8.68
C TYR B 129 -2.10 10.59 9.03
N VAL B 130 -1.46 11.75 8.84
CA VAL B 130 -0.09 11.95 9.28
C VAL B 130 -0.13 12.18 10.79
N LYS B 131 0.61 11.35 11.53
CA LYS B 131 0.80 11.51 12.97
C LYS B 131 -0.51 11.85 13.70
N PRO B 132 -1.52 10.99 13.59
CA PRO B 132 -2.83 11.29 14.19
C PRO B 132 -2.78 11.40 15.69
N LEU B 133 -1.87 10.64 16.33
CA LEU B 133 -1.72 10.69 17.79
C LEU B 133 -0.49 11.52 18.18
N ASP B 134 -0.41 12.73 17.58
CA ASP B 134 0.59 13.72 17.93
C ASP B 134 -0.15 14.93 18.54
N1 BCN C . 4.43 -2.49 12.90
C1 BCN C . 3.03 -2.67 13.37
C2 BCN C . 2.71 -4.11 13.72
O21 BCN C . 2.47 -4.90 12.79
O22 BCN C . 2.70 -4.48 14.90
C3 BCN C . 5.40 -3.39 13.61
C4 BCN C . 5.86 -4.52 12.68
O4 BCN C . 6.42 -5.60 13.47
C5 BCN C . 4.79 -1.07 13.00
C6 BCN C . 6.27 -0.78 12.71
O6 BCN C . 6.79 -1.58 11.62
C1 GOL D . 12.73 -6.85 22.44
O1 GOL D . 11.57 -7.57 22.74
C2 GOL D . 12.37 -5.77 21.47
O2 GOL D . 11.94 -4.64 22.22
C3 GOL D . 13.46 -5.35 20.50
O3 GOL D . 13.13 -5.54 19.14
C1 PEG E . 10.85 -12.30 22.36
O1 PEG E . 9.89 -13.19 22.95
C2 PEG E . 10.20 -11.07 21.73
O2 PEG E . 11.01 -9.88 21.92
C3 PEG E . 12.23 -9.84 21.18
C4 PEG E . 12.27 -8.81 20.06
N1 BCN F . -9.68 11.87 0.64
C1 BCN F . -10.55 11.05 1.49
C2 BCN F . -11.36 11.94 2.46
O21 BCN F . -12.00 11.42 3.39
O22 BCN F . -11.33 13.18 2.27
C3 BCN F . -9.54 11.28 -0.70
C4 BCN F . -10.75 11.65 -1.58
O4 BCN F . -10.90 13.08 -1.45
C5 BCN F . -8.37 11.94 1.27
C6 BCN F . -7.61 13.13 0.76
O6 BCN F . -8.46 14.32 0.80
S SO4 G . 13.46 -0.18 -27.20
O1 SO4 G . 12.35 -0.84 -26.52
O2 SO4 G . 14.08 -1.12 -28.11
O3 SO4 G . 14.46 0.20 -26.18
O4 SO4 G . 13.00 0.99 -27.94
#